data_8R1K
#
_entry.id   8R1K
#
_cell.length_a   97.619
_cell.length_b   97.619
_cell.length_c   80.248
_cell.angle_alpha   90.000
_cell.angle_beta   90.000
_cell.angle_gamma   120.000
#
_symmetry.space_group_name_H-M   'P 65'
#
loop_
_entity.id
_entity.type
_entity.pdbx_description
1 polymer 'Serine/threonine-protein kinase pim-1'
2 polymer Pimtide
3 non-polymer GLYCEROL
4 non-polymer 6-bromanyl-1,3-benzoxazol-2-amine
5 water water
#
loop_
_entity_poly.entity_id
_entity_poly.type
_entity_poly.pdbx_seq_one_letter_code
_entity_poly.pdbx_strand_id
1 'polypeptide(L)'
;SMLLSKINSLAHLRAAPCNDLHATKLAPGKEKEPLESQYQVGPLLGSGGFGSVYSGIRVSDNLPVAIKHVEKDRISDWGE
LPNGTRVPMEVVLLKKVSSGFSGVIRLLDWFERPDSFVLILERPEPVQDLFDFITERGALQEELARSFFWQVLEAVRHCH
NCGVLHRDIKDENILIDLNRGELKLIDFGSGALLKDTVYTDFDGTRVYSPPEWIRYHRYHGRSAAVWSLGILLYDMVCGD
IPFEHDEEIIGGQVFFRQRVS(SEP)ECQHLIRWCLALRPSDRPTFEEIQNHPWMQDVLLPQETAEIHLHSLSPGPS
;
A
2 'polypeptide(L)' ARKRRRHPSGPPTA B
#
# COMPACT_ATOMS: atom_id res chain seq x y z
N PRO A 34 -29.20 7.89 -3.06
CA PRO A 34 -28.91 9.27 -3.46
C PRO A 34 -27.49 9.70 -3.10
N LEU A 35 -26.56 9.55 -4.05
CA LEU A 35 -25.17 9.88 -3.78
C LEU A 35 -24.89 11.37 -4.01
N GLU A 36 -25.57 12.00 -4.98
CA GLU A 36 -25.33 13.41 -5.23
C GLU A 36 -25.91 14.30 -4.14
N SER A 37 -26.89 13.82 -3.39
CA SER A 37 -27.53 14.60 -2.33
C SER A 37 -27.13 14.13 -0.94
N GLN A 38 -26.01 13.41 -0.82
CA GLN A 38 -25.50 12.96 0.47
C GLN A 38 -24.03 13.31 0.69
N TYR A 39 -23.31 13.71 -0.34
CA TYR A 39 -21.92 14.15 -0.23
C TYR A 39 -21.73 15.39 -1.07
N GLN A 40 -21.00 16.36 -0.53
CA GLN A 40 -20.57 17.51 -1.30
C GLN A 40 -19.23 17.16 -1.96
N VAL A 41 -19.15 17.36 -3.28
CA VAL A 41 -18.01 16.91 -4.07
C VAL A 41 -17.04 18.09 -4.26
N GLY A 42 -15.77 17.85 -3.95
CA GLY A 42 -14.76 18.87 -4.05
C GLY A 42 -13.80 18.67 -5.21
N PRO A 43 -12.56 19.11 -5.02
CA PRO A 43 -11.58 19.03 -6.11
C PRO A 43 -11.05 17.64 -6.33
N LEU A 44 -10.60 17.39 -7.56
CA LEU A 44 -9.97 16.14 -7.92
C LEU A 44 -8.66 15.98 -7.16
N LEU A 45 -8.51 14.86 -6.46
CA LEU A 45 -7.28 14.59 -5.70
C LEU A 45 -6.23 13.88 -6.54
N GLY A 46 -6.64 12.98 -7.43
CA GLY A 46 -5.69 12.24 -8.22
C GLY A 46 -6.42 11.29 -9.15
N SER A 47 -5.68 10.82 -10.16
CA SER A 47 -6.22 9.85 -11.09
C SER A 47 -5.09 8.97 -11.59
N GLY A 48 -5.47 7.84 -12.16
CA GLY A 48 -4.50 6.91 -12.75
C GLY A 48 -5.11 5.54 -12.93
N GLY A 49 -4.24 4.53 -12.84
CA GLY A 49 -4.70 3.15 -12.98
C GLY A 49 -5.76 2.74 -11.98
N PHE A 50 -5.86 3.44 -10.86
CA PHE A 50 -6.85 3.14 -9.84
C PHE A 50 -8.22 3.78 -10.11
N GLY A 51 -8.27 4.85 -10.91
CA GLY A 51 -9.50 5.57 -11.15
C GLY A 51 -9.34 7.07 -10.97
N SER A 52 -10.42 7.76 -10.62
CA SER A 52 -10.42 9.18 -10.37
C SER A 52 -10.96 9.44 -8.98
N VAL A 53 -10.22 10.18 -8.16
CA VAL A 53 -10.54 10.35 -6.75
C VAL A 53 -10.72 11.81 -6.43
N TYR A 54 -11.87 12.16 -5.85
CA TYR A 54 -12.24 13.53 -5.50
C TYR A 54 -12.26 13.71 -4.00
N SER A 55 -11.87 14.89 -3.55
CA SER A 55 -12.12 15.28 -2.17
C SER A 55 -13.61 15.48 -1.98
N GLY A 56 -14.07 15.20 -0.77
CA GLY A 56 -15.51 15.31 -0.52
C GLY A 56 -15.78 15.47 0.95
N ILE A 57 -17.03 15.79 1.25
CA ILE A 57 -17.51 15.99 2.60
C ILE A 57 -18.88 15.35 2.72
N ARG A 58 -19.05 14.47 3.71
CA ARG A 58 -20.35 13.86 3.95
C ARG A 58 -21.30 14.88 4.56
N VAL A 59 -22.42 15.13 3.89
CA VAL A 59 -23.35 16.16 4.34
C VAL A 59 -23.89 15.83 5.74
N SER A 60 -24.06 14.53 6.03
CA SER A 60 -24.65 14.11 7.30
C SER A 60 -23.91 14.67 8.50
N ASP A 61 -22.57 14.79 8.42
CA ASP A 61 -21.79 15.21 9.59
C ASP A 61 -20.48 15.91 9.25
N ASN A 62 -20.37 16.54 8.07
CA ASN A 62 -19.16 17.27 7.66
C ASN A 62 -17.90 16.40 7.75
N LEU A 63 -18.05 15.09 7.67
CA LEU A 63 -16.89 14.21 7.72
C LEU A 63 -16.13 14.30 6.41
N PRO A 64 -14.81 14.50 6.44
CA PRO A 64 -14.03 14.51 5.19
C PRO A 64 -13.93 13.10 4.61
N VAL A 65 -14.19 13.00 3.30
CA VAL A 65 -14.17 11.72 2.61
C VAL A 65 -13.44 11.87 1.29
N ALA A 66 -13.07 10.75 0.72
CA ALA A 66 -12.57 10.69 -0.64
C ALA A 66 -13.53 9.87 -1.47
N ILE A 67 -13.83 10.35 -2.68
CA ILE A 67 -14.84 9.75 -3.54
C ILE A 67 -14.13 9.20 -4.77
N LYS A 68 -14.07 7.88 -4.89
CA LYS A 68 -13.31 7.22 -5.94
C LYS A 68 -14.27 6.61 -6.96
N HIS A 69 -14.06 6.95 -8.23
CA HIS A 69 -14.89 6.45 -9.33
C HIS A 69 -14.09 5.45 -10.13
N VAL A 70 -14.72 4.33 -10.46
CA VAL A 70 -14.10 3.25 -11.22
C VAL A 70 -15.03 2.90 -12.37
N GLU A 71 -14.49 2.92 -13.59
CA GLU A 71 -15.30 2.62 -14.76
C GLU A 71 -15.50 1.11 -14.87
N LYS A 72 -16.75 0.69 -15.05
CA LYS A 72 -17.04 -0.75 -15.18
C LYS A 72 -16.26 -1.36 -16.34
N ASP A 73 -16.26 -0.67 -17.49
CA ASP A 73 -15.59 -1.18 -18.69
C ASP A 73 -14.08 -1.30 -18.52
N ARG A 74 -13.52 -0.79 -17.42
CA ARG A 74 -12.08 -0.83 -17.19
C ARG A 74 -11.71 -1.70 -15.99
N ILE A 75 -12.58 -2.61 -15.57
CA ILE A 75 -12.36 -3.42 -14.38
C ILE A 75 -11.82 -4.78 -14.79
N SER A 76 -10.68 -5.16 -14.22
CA SER A 76 -10.04 -6.42 -14.57
C SER A 76 -10.73 -7.60 -13.87
N ASP A 77 -10.54 -7.72 -12.56
CA ASP A 77 -11.07 -8.84 -11.79
C ASP A 77 -12.36 -8.43 -11.08
N TRP A 78 -13.39 -9.26 -11.21
CA TRP A 78 -14.67 -9.02 -10.57
C TRP A 78 -14.87 -10.00 -9.42
N GLY A 79 -15.69 -9.57 -8.45
CA GLY A 79 -16.06 -10.41 -7.33
C GLY A 79 -17.56 -10.38 -7.12
N GLU A 80 -17.99 -11.05 -6.05
CA GLU A 80 -19.40 -11.16 -5.72
C GLU A 80 -19.59 -10.93 -4.23
N LEU A 81 -20.55 -10.10 -3.88
CA LEU A 81 -20.87 -9.79 -2.50
C LEU A 81 -21.75 -10.88 -1.91
N PRO A 82 -21.94 -10.88 -0.58
CA PRO A 82 -22.92 -11.81 0.02
C PRO A 82 -24.31 -11.70 -0.57
N ASN A 83 -24.74 -10.49 -0.94
CA ASN A 83 -26.01 -10.35 -1.64
C ASN A 83 -26.01 -11.02 -3.02
N GLY A 84 -24.91 -11.63 -3.45
CA GLY A 84 -24.80 -12.13 -4.81
C GLY A 84 -24.46 -11.08 -5.85
N THR A 85 -24.61 -9.79 -5.53
CA THR A 85 -24.35 -8.72 -6.49
C THR A 85 -22.89 -8.77 -6.94
N ARG A 86 -22.69 -8.63 -8.25
CA ARG A 86 -21.35 -8.67 -8.83
C ARG A 86 -20.74 -7.28 -8.71
N VAL A 87 -19.70 -7.18 -7.88
CA VAL A 87 -19.04 -5.90 -7.60
C VAL A 87 -17.57 -6.07 -7.98
N PRO A 88 -16.85 -4.97 -8.17
CA PRO A 88 -15.40 -5.09 -8.37
C PRO A 88 -14.72 -5.74 -7.17
N MET A 89 -13.66 -6.49 -7.45
CA MET A 89 -12.90 -7.13 -6.38
C MET A 89 -12.45 -6.12 -5.33
N GLU A 90 -12.15 -4.90 -5.75
CA GLU A 90 -11.70 -3.88 -4.81
C GLU A 90 -12.72 -3.69 -3.68
N VAL A 91 -14.01 -3.73 -4.01
CA VAL A 91 -15.04 -3.53 -3.00
C VAL A 91 -15.06 -4.72 -2.05
N VAL A 92 -14.95 -5.93 -2.58
CA VAL A 92 -14.90 -7.13 -1.74
C VAL A 92 -13.74 -7.05 -0.76
N LEU A 93 -12.54 -6.71 -1.26
CA LEU A 93 -11.37 -6.66 -0.41
C LEU A 93 -11.48 -5.58 0.65
N LEU A 94 -11.93 -4.38 0.26
CA LEU A 94 -12.08 -3.28 1.20
C LEU A 94 -13.08 -3.62 2.30
N LYS A 95 -14.21 -4.25 1.95
CA LYS A 95 -15.17 -4.67 2.97
C LYS A 95 -14.52 -5.63 3.97
N LYS A 96 -13.66 -6.52 3.47
CA LYS A 96 -13.04 -7.50 4.36
C LYS A 96 -12.07 -6.85 5.35
N VAL A 97 -11.39 -5.77 4.95
CA VAL A 97 -10.39 -5.15 5.83
C VAL A 97 -10.92 -3.92 6.56
N SER A 98 -12.10 -3.42 6.22
CA SER A 98 -12.57 -2.17 6.79
C SER A 98 -13.28 -2.37 8.13
N SER A 99 -13.36 -3.59 8.62
CA SER A 99 -13.97 -3.84 9.93
C SER A 99 -13.02 -3.37 11.02
N GLY A 100 -13.44 -2.37 11.79
CA GLY A 100 -12.63 -1.86 12.87
C GLY A 100 -11.66 -0.78 12.43
N PHE A 101 -10.79 -0.43 13.38
CA PHE A 101 -9.74 0.55 13.15
C PHE A 101 -8.45 -0.17 12.80
N SER A 102 -7.70 0.41 11.87
CA SER A 102 -6.37 -0.10 11.54
C SER A 102 -5.70 0.89 10.58
N GLY A 103 -4.54 0.48 10.07
CA GLY A 103 -3.81 1.29 9.12
C GLY A 103 -4.23 1.03 7.69
N VAL A 104 -5.52 0.84 7.46
CA VAL A 104 -6.07 0.78 6.12
C VAL A 104 -7.13 1.86 5.99
N ILE A 105 -7.12 2.57 4.86
CA ILE A 105 -8.18 3.55 4.59
C ILE A 105 -9.48 2.79 4.43
N ARG A 106 -10.50 3.17 5.19
CA ARG A 106 -11.71 2.39 5.29
C ARG A 106 -12.74 2.78 4.24
N LEU A 107 -13.41 1.78 3.68
CA LEU A 107 -14.55 1.99 2.79
C LEU A 107 -15.78 2.27 3.65
N LEU A 108 -16.36 3.45 3.47
CA LEU A 108 -17.51 3.86 4.26
C LEU A 108 -18.81 3.49 3.60
N ASP A 109 -18.84 3.46 2.28
CA ASP A 109 -20.06 3.26 1.50
C ASP A 109 -19.64 3.07 0.06
N TRP A 110 -20.56 2.57 -0.75
CA TRP A 110 -20.32 2.47 -2.18
C TRP A 110 -21.66 2.46 -2.90
N PHE A 111 -21.60 2.78 -4.19
CA PHE A 111 -22.79 2.90 -5.02
C PHE A 111 -22.49 2.28 -6.38
N GLU A 112 -23.50 1.71 -7.02
CA GLU A 112 -23.37 1.29 -8.41
C GLU A 112 -24.07 2.28 -9.31
N ARG A 113 -23.43 2.61 -10.43
CA ARG A 113 -23.94 3.51 -11.45
C ARG A 113 -23.99 2.74 -12.76
N PRO A 114 -24.69 3.25 -13.80
CA PRO A 114 -24.74 2.54 -15.08
C PRO A 114 -23.40 2.04 -15.59
N ASP A 115 -22.40 2.92 -15.71
CA ASP A 115 -21.12 2.54 -16.27
C ASP A 115 -19.98 2.58 -15.26
N SER A 116 -20.27 2.68 -13.96
CA SER A 116 -19.20 2.84 -13.00
C SER A 116 -19.65 2.42 -11.61
N PHE A 117 -18.66 2.23 -10.73
CA PHE A 117 -18.87 2.12 -9.30
C PHE A 117 -18.23 3.33 -8.61
N VAL A 118 -18.83 3.75 -7.51
CA VAL A 118 -18.35 4.89 -6.73
C VAL A 118 -18.11 4.42 -5.31
N LEU A 119 -16.91 4.71 -4.78
CA LEU A 119 -16.50 4.27 -3.46
C LEU A 119 -16.33 5.48 -2.56
N ILE A 120 -16.89 5.42 -1.35
CA ILE A 120 -16.72 6.48 -0.37
C ILE A 120 -15.68 6.02 0.66
N LEU A 121 -14.56 6.73 0.71
CA LEU A 121 -13.44 6.34 1.53
C LEU A 121 -13.16 7.40 2.58
N GLU A 122 -12.53 6.97 3.67
CA GLU A 122 -11.97 7.92 4.63
C GLU A 122 -11.02 8.88 3.93
N ARG A 123 -10.92 10.09 4.47
CA ARG A 123 -9.91 11.04 4.03
C ARG A 123 -9.26 11.68 5.26
N PRO A 124 -8.04 11.31 5.59
CA PRO A 124 -7.31 12.08 6.62
C PRO A 124 -7.04 13.49 6.12
N GLU A 125 -6.98 14.42 7.05
CA GLU A 125 -6.67 15.80 6.72
C GLU A 125 -5.96 16.41 7.93
N PRO A 126 -4.73 16.91 7.75
CA PRO A 126 -3.97 17.00 6.50
C PRO A 126 -3.33 15.66 6.12
N VAL A 127 -3.06 15.43 4.84
CA VAL A 127 -2.55 14.15 4.36
C VAL A 127 -1.49 14.42 3.29
N GLN A 128 -0.55 13.48 3.17
CA GLN A 128 0.40 13.46 2.06
C GLN A 128 0.76 12.02 1.80
N ASP A 129 0.88 11.64 0.52
CA ASP A 129 1.24 10.25 0.34
C ASP A 129 2.74 10.08 0.53
N LEU A 130 3.14 8.85 0.84
CA LEU A 130 4.53 8.60 1.23
C LEU A 130 5.48 8.83 0.06
N PHE A 131 5.02 8.63 -1.17
CA PHE A 131 5.90 8.94 -2.31
C PHE A 131 6.29 10.42 -2.29
N ASP A 132 5.30 11.31 -2.19
CA ASP A 132 5.63 12.74 -2.19
C ASP A 132 6.45 13.12 -0.97
N PHE A 133 6.15 12.51 0.18
CA PHE A 133 6.87 12.79 1.42
C PHE A 133 8.36 12.48 1.26
N ILE A 134 8.67 11.34 0.66
CA ILE A 134 10.07 10.94 0.46
C ILE A 134 10.73 11.82 -0.60
N THR A 135 9.97 12.18 -1.65
CA THR A 135 10.53 13.10 -2.65
C THR A 135 10.96 14.42 -2.02
N GLU A 136 10.15 14.94 -1.10
CA GLU A 136 10.46 16.24 -0.52
C GLU A 136 11.49 16.15 0.59
N ARG A 137 11.51 15.07 1.37
CA ARG A 137 12.40 14.95 2.50
C ARG A 137 13.72 14.28 2.17
N GLY A 138 13.78 13.53 1.05
CA GLY A 138 14.93 12.70 0.79
C GLY A 138 14.89 11.45 1.65
N ALA A 139 16.04 10.78 1.75
CA ALA A 139 16.16 9.60 2.62
C ALA A 139 15.72 9.94 4.04
N LEU A 140 14.90 9.06 4.62
CA LEU A 140 14.40 9.29 5.97
C LEU A 140 15.39 8.81 7.02
N GLN A 141 15.49 9.57 8.11
CA GLN A 141 16.16 9.08 9.32
C GLN A 141 15.62 7.70 9.70
N GLU A 142 16.51 6.81 10.17
CA GLU A 142 16.07 5.43 10.39
C GLU A 142 15.01 5.35 11.48
N GLU A 143 15.03 6.23 12.47
CA GLU A 143 13.99 6.21 13.50
C GLU A 143 12.62 6.45 12.88
N LEU A 144 12.55 7.32 11.89
CA LEU A 144 11.29 7.61 11.21
C LEU A 144 10.92 6.50 10.26
N ALA A 145 11.90 5.98 9.51
CA ALA A 145 11.61 4.84 8.64
C ALA A 145 11.17 3.63 9.46
N ARG A 146 11.75 3.45 10.65
CA ARG A 146 11.34 2.33 11.50
C ARG A 146 9.87 2.45 11.89
N SER A 147 9.46 3.65 12.31
CA SER A 147 8.08 3.83 12.73
C SER A 147 7.14 3.61 11.55
N PHE A 148 7.45 4.20 10.39
CA PHE A 148 6.62 4.01 9.20
C PHE A 148 6.57 2.55 8.79
N PHE A 149 7.74 1.90 8.71
CA PHE A 149 7.79 0.50 8.28
C PHE A 149 7.02 -0.39 9.22
N TRP A 150 7.18 -0.18 10.53
CA TRP A 150 6.41 -0.94 11.53
C TRP A 150 4.92 -0.83 11.27
N GLN A 151 4.44 0.39 11.04
CA GLN A 151 3.02 0.61 10.82
C GLN A 151 2.53 -0.07 9.56
N VAL A 152 3.36 -0.07 8.52
CA VAL A 152 2.98 -0.78 7.30
C VAL A 152 2.90 -2.28 7.55
N LEU A 153 3.86 -2.82 8.31
CA LEU A 153 3.81 -4.24 8.64
C LEU A 153 2.54 -4.60 9.40
N GLU A 154 2.17 -3.79 10.38
CA GLU A 154 0.93 -4.08 11.13
C GLU A 154 -0.28 -4.02 10.22
N ALA A 155 -0.31 -3.06 9.28
CA ALA A 155 -1.42 -2.94 8.35
C ALA A 155 -1.48 -4.14 7.40
N VAL A 156 -0.34 -4.57 6.87
CA VAL A 156 -0.33 -5.72 5.97
C VAL A 156 -0.70 -6.99 6.75
N ARG A 157 -0.23 -7.12 8.00
CA ARG A 157 -0.68 -8.26 8.80
C ARG A 157 -2.19 -8.26 8.95
N HIS A 158 -2.78 -7.08 9.15
CA HIS A 158 -4.22 -6.99 9.31
C HIS A 158 -4.93 -7.45 8.05
N CYS A 159 -4.45 -6.99 6.88
CA CYS A 159 -5.02 -7.45 5.62
C CYS A 159 -4.97 -8.96 5.51
N HIS A 160 -3.79 -9.55 5.75
CA HIS A 160 -3.67 -10.99 5.59
C HIS A 160 -4.55 -11.73 6.56
N ASN A 161 -4.65 -11.24 7.81
CA ASN A 161 -5.55 -11.85 8.78
C ASN A 161 -6.99 -11.80 8.31
N CYS A 162 -7.34 -10.79 7.53
CA CYS A 162 -8.68 -10.64 6.97
C CYS A 162 -8.86 -11.38 5.65
N GLY A 163 -7.87 -12.16 5.21
CA GLY A 163 -7.97 -12.91 3.97
C GLY A 163 -7.66 -12.11 2.71
N VAL A 164 -6.94 -10.99 2.84
CA VAL A 164 -6.75 -10.06 1.73
C VAL A 164 -5.26 -9.90 1.45
N LEU A 165 -4.88 -10.00 0.18
CA LEU A 165 -3.51 -9.74 -0.28
C LEU A 165 -3.53 -8.46 -1.11
N HIS A 166 -2.74 -7.47 -0.71
CA HIS A 166 -2.82 -6.17 -1.39
C HIS A 166 -2.22 -6.23 -2.80
N ARG A 167 -1.01 -6.79 -2.93
CA ARG A 167 -0.30 -7.00 -4.20
C ARG A 167 0.20 -5.71 -4.86
N ASP A 168 0.18 -4.57 -4.18
CA ASP A 168 0.74 -3.36 -4.76
C ASP A 168 1.24 -2.44 -3.64
N ILE A 169 1.92 -3.03 -2.65
CA ILE A 169 2.52 -2.22 -1.58
C ILE A 169 3.61 -1.35 -2.20
N LYS A 170 3.48 -0.04 -2.09
CA LYS A 170 4.54 0.88 -2.52
C LYS A 170 4.27 2.24 -1.88
N ASP A 171 5.27 3.13 -1.91
CA ASP A 171 5.09 4.40 -1.22
C ASP A 171 3.91 5.18 -1.79
N GLU A 172 3.63 5.01 -3.09
CA GLU A 172 2.52 5.73 -3.70
C GLU A 172 1.17 5.31 -3.12
N ASN A 173 1.09 4.08 -2.59
CA ASN A 173 -0.16 3.54 -2.07
C ASN A 173 -0.24 3.60 -0.56
N ILE A 174 0.48 4.54 0.05
CA ILE A 174 0.49 4.75 1.49
C ILE A 174 0.27 6.22 1.77
N LEU A 175 -0.75 6.54 2.57
CA LEU A 175 -1.04 7.90 2.98
C LEU A 175 -0.53 8.11 4.40
N ILE A 176 -0.03 9.31 4.66
CA ILE A 176 0.40 9.73 5.99
C ILE A 176 -0.64 10.72 6.54
N ASP A 177 -1.31 10.33 7.63
CA ASP A 177 -2.07 11.27 8.45
C ASP A 177 -1.07 12.08 9.25
N LEU A 178 -0.80 13.31 8.78
CA LEU A 178 0.34 14.06 9.29
C LEU A 178 0.14 14.50 10.73
N ASN A 179 -1.10 14.72 11.15
CA ASN A 179 -1.33 15.16 12.52
C ASN A 179 -1.29 13.97 13.49
N ARG A 180 -1.77 12.80 13.05
CA ARG A 180 -1.77 11.63 13.93
C ARG A 180 -0.49 10.81 13.82
N GLY A 181 0.32 11.02 12.79
CA GLY A 181 1.50 10.19 12.61
C GLY A 181 1.18 8.76 12.23
N GLU A 182 0.04 8.53 11.59
CA GLU A 182 -0.44 7.20 11.23
C GLU A 182 -0.38 7.03 9.73
N LEU A 183 0.07 5.85 9.29
CA LEU A 183 0.09 5.49 7.88
C LEU A 183 -1.15 4.67 7.53
N LYS A 184 -1.64 4.85 6.30
CA LYS A 184 -2.86 4.17 5.84
C LYS A 184 -2.66 3.62 4.44
N LEU A 185 -2.90 2.32 4.27
CA LEU A 185 -2.85 1.68 2.97
C LEU A 185 -4.05 2.06 2.09
N ILE A 186 -3.78 2.32 0.81
CA ILE A 186 -4.84 2.59 -0.16
C ILE A 186 -4.64 1.72 -1.39
N ASP A 187 -5.63 1.80 -2.29
CA ASP A 187 -5.58 1.24 -3.65
C ASP A 187 -5.43 -0.29 -3.64
N PHE A 188 -6.53 -0.95 -3.25
CA PHE A 188 -6.61 -2.40 -3.28
C PHE A 188 -7.04 -2.93 -4.64
N GLY A 189 -6.96 -2.11 -5.69
CA GLY A 189 -7.48 -2.46 -6.99
C GLY A 189 -6.70 -3.52 -7.74
N SER A 190 -5.48 -3.85 -7.29
CA SER A 190 -4.73 -4.97 -7.86
C SER A 190 -4.67 -6.16 -6.91
N GLY A 191 -5.41 -6.12 -5.80
CA GLY A 191 -5.33 -7.16 -4.80
C GLY A 191 -6.09 -8.43 -5.16
N ALA A 192 -6.10 -9.36 -4.22
CA ALA A 192 -6.75 -10.66 -4.39
C ALA A 192 -7.11 -11.22 -3.02
N LEU A 193 -8.03 -12.17 -3.01
CA LEU A 193 -8.17 -12.98 -1.80
C LEU A 193 -6.85 -13.69 -1.55
N LEU A 194 -6.45 -13.77 -0.29
CA LEU A 194 -5.19 -14.43 0.03
C LEU A 194 -5.37 -15.94 -0.06
N LYS A 195 -4.42 -16.62 -0.69
CA LYS A 195 -4.44 -18.07 -0.81
C LYS A 195 -3.03 -18.59 -0.59
N ASP A 196 -2.92 -19.90 -0.39
CA ASP A 196 -1.64 -20.55 -0.16
C ASP A 196 -1.06 -21.19 -1.42
N THR A 197 -1.83 -21.25 -2.50
CA THR A 197 -1.34 -21.81 -3.76
C THR A 197 -0.72 -20.69 -4.60
N VAL A 198 -0.14 -21.07 -5.74
CA VAL A 198 0.64 -20.13 -6.54
C VAL A 198 -0.30 -19.15 -7.22
N TYR A 199 0.15 -17.88 -7.33
CA TYR A 199 -0.47 -16.87 -8.17
C TYR A 199 0.25 -16.83 -9.52
N THR A 200 -0.53 -16.78 -10.61
CA THR A 200 0.02 -16.69 -11.95
C THR A 200 -0.40 -15.42 -12.67
N ASP A 201 -1.16 -14.55 -12.01
CA ASP A 201 -1.58 -13.25 -12.52
C ASP A 201 -0.97 -12.17 -11.63
N PHE A 202 -0.71 -10.99 -12.22
CA PHE A 202 -0.19 -9.87 -11.43
C PHE A 202 -0.50 -8.57 -12.13
N ASP A 203 -1.02 -7.62 -11.37
CA ASP A 203 -1.45 -6.33 -11.87
C ASP A 203 -0.80 -5.15 -11.14
N GLY A 204 0.13 -5.42 -10.23
CA GLY A 204 0.73 -4.36 -9.43
C GLY A 204 1.88 -3.69 -10.15
N THR A 205 2.79 -3.12 -9.35
CA THR A 205 3.88 -2.30 -9.87
C THR A 205 5.12 -3.16 -10.12
N ARG A 206 5.60 -3.18 -11.37
CA ARG A 206 6.65 -4.13 -11.75
C ARG A 206 7.94 -3.92 -10.96
N VAL A 207 8.31 -2.65 -10.67
CA VAL A 207 9.56 -2.42 -9.96
C VAL A 207 9.47 -2.80 -8.49
N TYR A 208 8.28 -3.08 -7.97
CA TYR A 208 8.17 -3.67 -6.64
C TYR A 208 7.92 -5.17 -6.69
N SER A 209 7.86 -5.77 -7.87
CA SER A 209 7.51 -7.18 -7.97
C SER A 209 8.75 -8.06 -7.83
N PRO A 210 8.58 -9.30 -7.38
CA PRO A 210 9.73 -10.10 -7.00
C PRO A 210 10.33 -10.81 -8.20
N PRO A 211 11.56 -11.30 -8.07
CA PRO A 211 12.23 -11.91 -9.24
C PRO A 211 11.53 -13.16 -9.75
N GLU A 212 10.86 -13.93 -8.89
CA GLU A 212 10.17 -15.11 -9.39
C GLU A 212 9.00 -14.72 -10.28
N TRP A 213 8.44 -13.52 -10.08
CA TRP A 213 7.45 -13.02 -11.03
C TRP A 213 8.11 -12.63 -12.35
N ILE A 214 9.23 -11.91 -12.27
CA ILE A 214 9.95 -11.51 -13.47
C ILE A 214 10.36 -12.73 -14.29
N ARG A 215 10.89 -13.75 -13.63
CA ARG A 215 11.47 -14.89 -14.36
C ARG A 215 10.40 -15.88 -14.80
N TYR A 216 9.46 -16.22 -13.92
CA TYR A 216 8.57 -17.36 -14.14
C TYR A 216 7.09 -17.00 -14.21
N HIS A 217 6.71 -15.76 -13.96
CA HIS A 217 5.30 -15.35 -13.90
C HIS A 217 4.54 -16.16 -12.85
N ARG A 218 5.21 -16.47 -11.74
CA ARG A 218 4.61 -17.19 -10.62
C ARG A 218 5.13 -16.63 -9.31
N TYR A 219 4.28 -16.62 -8.29
CA TYR A 219 4.71 -16.20 -6.95
C TYR A 219 3.69 -16.70 -5.94
N HIS A 220 4.12 -16.77 -4.69
CA HIS A 220 3.21 -16.96 -3.58
C HIS A 220 3.04 -15.63 -2.86
N GLY A 221 1.87 -15.45 -2.24
CA GLY A 221 1.46 -14.11 -1.83
C GLY A 221 2.31 -13.51 -0.73
N ARG A 222 2.60 -14.29 0.30
CA ARG A 222 3.30 -13.76 1.46
C ARG A 222 4.74 -13.41 1.13
N SER A 223 5.45 -14.32 0.45
CA SER A 223 6.85 -14.03 0.15
C SER A 223 6.96 -12.93 -0.89
N ALA A 224 5.97 -12.78 -1.77
CA ALA A 224 5.98 -11.65 -2.70
C ALA A 224 5.73 -10.34 -1.97
N ALA A 225 4.82 -10.36 -0.99
CA ALA A 225 4.60 -9.18 -0.15
C ALA A 225 5.87 -8.76 0.56
N VAL A 226 6.59 -9.73 1.12
CA VAL A 226 7.82 -9.44 1.85
C VAL A 226 8.86 -8.83 0.92
N TRP A 227 8.94 -9.32 -0.32
CA TRP A 227 9.85 -8.68 -1.28
C TRP A 227 9.48 -7.21 -1.48
N SER A 228 8.20 -6.90 -1.72
CA SER A 228 7.83 -5.51 -1.95
C SER A 228 8.09 -4.65 -0.71
N LEU A 229 8.01 -5.26 0.47
CA LEU A 229 8.33 -4.52 1.70
C LEU A 229 9.82 -4.23 1.79
N GLY A 230 10.67 -5.14 1.32
CA GLY A 230 12.09 -4.83 1.22
C GLY A 230 12.36 -3.65 0.30
N ILE A 231 11.70 -3.63 -0.86
CA ILE A 231 11.83 -2.51 -1.79
C ILE A 231 11.39 -1.22 -1.11
N LEU A 232 10.27 -1.28 -0.37
CA LEU A 232 9.75 -0.10 0.32
C LEU A 232 10.70 0.40 1.40
N LEU A 233 11.32 -0.51 2.15
CA LEU A 233 12.22 -0.08 3.22
C LEU A 233 13.48 0.56 2.65
N TYR A 234 14.08 -0.06 1.64
CA TYR A 234 15.18 0.60 0.92
C TYR A 234 14.75 1.99 0.44
N ASP A 235 13.58 2.08 -0.18
CA ASP A 235 13.04 3.37 -0.63
C ASP A 235 13.04 4.40 0.49
N MET A 236 12.60 4.01 1.69
CA MET A 236 12.54 4.95 2.81
C MET A 236 13.93 5.39 3.27
N VAL A 237 14.86 4.46 3.46
CA VAL A 237 16.16 4.85 4.04
C VAL A 237 17.17 5.32 3.01
N CYS A 238 16.93 5.08 1.72
CA CYS A 238 17.82 5.58 0.67
C CYS A 238 17.24 6.72 -0.14
N GLY A 239 15.93 6.96 -0.10
CA GLY A 239 15.32 8.04 -0.82
C GLY A 239 14.80 7.69 -2.19
N ASP A 240 15.08 6.49 -2.67
CA ASP A 240 14.45 5.97 -3.88
C ASP A 240 14.59 4.46 -3.89
N ILE A 241 13.79 3.81 -4.72
CA ILE A 241 13.78 2.34 -4.81
C ILE A 241 15.11 1.86 -5.38
N PRO A 242 15.50 0.61 -5.11
CA PRO A 242 16.82 0.14 -5.56
C PRO A 242 16.87 -0.27 -7.03
N PHE A 243 15.78 -0.82 -7.56
CA PHE A 243 15.81 -1.43 -8.88
C PHE A 243 14.87 -0.69 -9.82
N GLU A 244 15.32 -0.44 -11.05
CA GLU A 244 14.47 0.11 -12.10
C GLU A 244 14.25 -0.83 -13.27
N HIS A 245 15.11 -1.84 -13.46
CA HIS A 245 15.05 -2.71 -14.62
C HIS A 245 15.01 -4.16 -14.17
N ASP A 246 14.44 -5.01 -15.05
CA ASP A 246 14.28 -6.43 -14.73
C ASP A 246 15.61 -7.07 -14.31
N GLU A 247 16.69 -6.71 -14.99
CA GLU A 247 17.98 -7.35 -14.73
C GLU A 247 18.48 -7.06 -13.32
N GLU A 248 18.19 -5.85 -12.82
CA GLU A 248 18.52 -5.53 -11.44
C GLU A 248 17.66 -6.32 -10.46
N ILE A 249 16.37 -6.48 -10.78
CA ILE A 249 15.48 -7.23 -9.87
C ILE A 249 15.96 -8.65 -9.70
N ILE A 250 16.29 -9.31 -10.81
CA ILE A 250 16.70 -10.71 -10.72
C ILE A 250 18.17 -10.85 -10.35
N GLY A 251 18.95 -9.76 -10.42
CA GLY A 251 20.38 -9.89 -10.26
C GLY A 251 20.81 -10.20 -8.83
N GLY A 252 20.04 -9.74 -7.86
CA GLY A 252 20.31 -10.09 -6.47
C GLY A 252 21.42 -9.35 -5.78
N GLN A 253 21.77 -8.14 -6.25
CA GLN A 253 22.77 -7.31 -5.57
C GLN A 253 22.10 -6.00 -5.14
N VAL A 254 22.27 -5.65 -3.87
CA VAL A 254 21.68 -4.45 -3.30
C VAL A 254 22.82 -3.50 -2.95
N PHE A 255 22.91 -2.40 -3.70
CA PHE A 255 23.90 -1.36 -3.45
C PHE A 255 23.24 -0.25 -2.64
N PHE A 256 23.90 0.19 -1.58
CA PHE A 256 23.36 1.25 -0.73
C PHE A 256 24.00 2.57 -1.07
N ARG A 257 23.19 3.52 -1.53
CA ARG A 257 23.60 4.82 -2.02
C ARG A 257 23.59 5.86 -0.91
N GLN A 258 23.08 5.51 0.26
CA GLN A 258 23.07 6.38 1.42
C GLN A 258 23.70 5.62 2.57
N ARG A 259 24.17 6.35 3.57
CA ARG A 259 24.60 5.71 4.80
C ARG A 259 23.39 5.04 5.48
N VAL A 260 23.46 3.73 5.65
CA VAL A 260 22.40 2.94 6.27
C VAL A 260 23.04 1.98 7.28
N SER A 261 22.46 1.86 8.47
CA SER A 261 23.06 1.03 9.52
C SER A 261 23.17 -0.42 9.03
N GLU A 263 22.39 -3.08 10.67
CA GLU A 263 21.17 -3.83 11.03
C GLU A 263 20.08 -3.60 9.98
N CYS A 264 19.93 -2.35 9.53
CA CYS A 264 18.92 -2.05 8.53
C CYS A 264 19.27 -2.68 7.17
N GLN A 265 20.55 -2.60 6.77
CA GLN A 265 20.98 -3.27 5.54
C GLN A 265 20.66 -4.76 5.58
N HIS A 266 20.92 -5.40 6.72
CA HIS A 266 20.68 -6.84 6.83
C HIS A 266 19.20 -7.14 6.63
N LEU A 267 18.32 -6.38 7.30
CA LEU A 267 16.89 -6.62 7.15
C LEU A 267 16.45 -6.48 5.70
N ILE A 268 16.89 -5.40 5.05
CA ILE A 268 16.55 -5.18 3.65
C ILE A 268 17.01 -6.34 2.79
N ARG A 269 18.29 -6.73 2.94
CA ARG A 269 18.80 -7.80 2.09
C ARG A 269 18.10 -9.13 2.37
N TRP A 270 17.64 -9.33 3.60
CA TRP A 270 16.87 -10.51 3.92
C TRP A 270 15.52 -10.51 3.21
N CYS A 271 14.79 -9.39 3.28
CA CYS A 271 13.52 -9.26 2.54
C CYS A 271 13.73 -9.41 1.04
N LEU A 272 14.89 -9.04 0.54
CA LEU A 272 15.18 -9.10 -0.89
C LEU A 272 15.97 -10.35 -1.25
N ALA A 273 15.88 -11.41 -0.46
CA ALA A 273 16.48 -12.67 -0.86
C ALA A 273 15.87 -13.14 -2.18
N LEU A 274 16.74 -13.62 -3.09
CA LEU A 274 16.27 -14.07 -4.40
C LEU A 274 15.33 -15.28 -4.30
N ARG A 275 15.67 -16.23 -3.43
CA ARG A 275 14.80 -17.39 -3.23
C ARG A 275 13.68 -17.04 -2.28
N PRO A 276 12.41 -17.22 -2.66
CA PRO A 276 11.30 -16.81 -1.78
C PRO A 276 11.33 -17.45 -0.39
N SER A 277 11.64 -18.74 -0.31
CA SER A 277 11.67 -19.41 0.99
C SER A 277 12.82 -18.91 1.87
N ASP A 278 13.78 -18.15 1.32
CA ASP A 278 14.82 -17.54 2.14
C ASP A 278 14.38 -16.22 2.78
N ARG A 279 13.23 -15.66 2.39
CA ARG A 279 12.77 -14.39 2.94
C ARG A 279 12.17 -14.57 4.31
N PRO A 280 12.22 -13.54 5.15
CA PRO A 280 11.68 -13.65 6.50
C PRO A 280 10.16 -13.66 6.47
N THR A 281 9.57 -14.26 7.50
CA THR A 281 8.15 -14.07 7.75
C THR A 281 7.91 -12.69 8.35
N PHE A 282 6.64 -12.30 8.45
CA PHE A 282 6.33 -11.04 9.12
C PHE A 282 6.82 -11.05 10.56
N GLU A 283 6.67 -12.18 11.26
CA GLU A 283 7.14 -12.30 12.64
C GLU A 283 8.65 -12.09 12.72
N GLU A 284 9.39 -12.69 11.79
CA GLU A 284 10.84 -12.52 11.77
C GLU A 284 11.24 -11.09 11.44
N ILE A 285 10.47 -10.40 10.60
CA ILE A 285 10.76 -8.98 10.35
C ILE A 285 10.58 -8.17 11.61
N GLN A 286 9.44 -8.34 12.28
CA GLN A 286 9.17 -7.52 13.46
C GLN A 286 10.01 -7.92 14.67
N ASN A 287 10.59 -9.12 14.68
CA ASN A 287 11.54 -9.47 15.74
C ASN A 287 12.98 -9.09 15.40
N HIS A 288 13.21 -8.58 14.20
CA HIS A 288 14.57 -8.23 13.79
C HIS A 288 15.13 -7.13 14.69
N PRO A 289 16.43 -7.16 15.01
CA PRO A 289 17.01 -6.11 15.87
C PRO A 289 16.78 -4.69 15.38
N TRP A 290 16.76 -4.45 14.07
CA TRP A 290 16.54 -3.09 13.59
C TRP A 290 15.16 -2.57 13.93
N MET A 291 14.20 -3.46 14.18
CA MET A 291 12.82 -3.06 14.40
C MET A 291 12.49 -2.79 15.85
N GLN A 292 13.44 -2.91 16.77
CA GLN A 292 13.08 -2.78 18.17
C GLN A 292 12.95 -1.31 18.57
N ASP A 293 12.16 -1.09 19.63
CA ASP A 293 11.98 0.23 20.23
C ASP A 293 11.36 1.24 19.26
N VAL A 294 10.34 0.79 18.53
CA VAL A 294 9.63 1.67 17.61
C VAL A 294 8.95 2.82 18.36
N LEU A 295 8.91 3.99 17.73
CA LEU A 295 8.12 5.10 18.24
C LEU A 295 6.62 4.81 18.13
N LEU A 296 5.84 5.37 19.06
CA LEU A 296 4.39 5.41 18.90
C LEU A 296 4.03 6.40 17.79
N PRO A 297 2.84 6.27 17.18
CA PRO A 297 2.47 7.20 16.10
C PRO A 297 2.42 8.65 16.54
N GLN A 298 1.89 8.94 17.74
CA GLN A 298 1.85 10.32 18.22
C GLN A 298 3.26 10.86 18.42
N GLU A 299 4.17 10.05 18.98
CA GLU A 299 5.56 10.48 19.10
C GLU A 299 6.17 10.76 17.73
N THR A 300 5.87 9.88 16.75
CA THR A 300 6.35 10.09 15.40
C THR A 300 5.87 11.42 14.82
N ALA A 301 4.60 11.75 15.03
CA ALA A 301 4.08 13.03 14.53
C ALA A 301 4.78 14.20 15.23
N GLU A 302 4.96 14.10 16.55
CA GLU A 302 5.54 15.22 17.30
C GLU A 302 7.01 15.40 16.97
N ILE A 303 7.75 14.30 16.84
CA ILE A 303 9.19 14.42 16.60
C ILE A 303 9.47 14.78 15.14
N HIS A 304 8.73 14.18 14.20
CA HIS A 304 9.13 14.18 12.80
C HIS A 304 8.19 14.90 11.84
N LEU A 305 6.92 15.13 12.19
CA LEU A 305 5.97 15.64 11.22
C LEU A 305 5.39 17.01 11.53
N HIS A 306 5.48 17.51 12.76
CA HIS A 306 4.89 18.81 13.07
C HIS A 306 5.82 19.95 12.67
N LYS B 3 16.83 9.88 -11.84
CA LYS B 3 15.74 10.72 -11.34
C LYS B 3 14.74 9.82 -10.63
N ARG B 4 13.98 10.38 -9.71
CA ARG B 4 12.99 9.62 -8.98
C ARG B 4 11.63 9.81 -9.64
N ARG B 5 10.89 8.72 -9.81
CA ARG B 5 9.61 8.84 -10.50
C ARG B 5 8.63 7.81 -9.96
N ARG B 6 7.34 8.11 -10.16
CA ARG B 6 6.28 7.15 -9.92
C ARG B 6 6.31 6.07 -10.98
N HIS B 7 5.66 4.95 -10.69
CA HIS B 7 5.55 3.84 -11.63
C HIS B 7 4.12 3.37 -11.70
N PRO B 8 3.42 3.54 -12.81
CA PRO B 8 2.03 3.08 -12.90
C PRO B 8 1.91 1.59 -12.63
N SER B 9 0.73 1.19 -12.16
CA SER B 9 0.43 -0.20 -11.90
C SER B 9 -0.16 -0.85 -13.16
N GLY B 10 0.13 -2.13 -13.35
CA GLY B 10 -0.43 -2.88 -14.47
C GLY B 10 0.43 -2.87 -15.71
#